data_5DZG
#
_entry.id   5DZG
#
_cell.length_a   41.277
_cell.length_b   78.957
_cell.length_c   132.630
_cell.angle_alpha   90.00
_cell.angle_beta   90.00
_cell.angle_gamma   90.00
#
_symmetry.space_group_name_H-M   'P 21 21 21'
#
loop_
_entity.id
_entity.type
_entity.pdbx_description
1 polymer 'VvEG16, endo-glucanase'
2 branched alpha-D-xylopyranose-(1-6)-beta-D-glucopyranose-(1-4)-[alpha-D-xylopyranose-(1-6)]beta-D-glucopyranose-(1-4)-[alpha-D-xylopyranose-(1-6)]beta-D-glucopyranose-(1-4)-beta-D-glucopyranose-(1-4)-[alpha-D-xylopyranose-(1-6)]beta-D-glucopyranose-(1-4)-[alpha-D-xylopyranose-(1-6)]beta-D-glucopyranose-(1-4)-[alpha-D-xylopyranose-(1-6)]beta-D-glucopyranose-(1-4)-alpha-D-glucopyranose
3 branched alpha-D-xylopyranose-(1-6)-beta-D-glucopyranose-(1-4)-[alpha-D-xylopyranose-(1-6)]beta-D-glucopyranose-(1-4)-[alpha-D-xylopyranose-(1-6)]beta-D-glucopyranose-(1-4)-alpha-D-glucopyranose
4 water water
#
_entity_poly.entity_id   1
_entity_poly.type   'polypeptide(L)'
_entity_poly.pdbx_seq_one_letter_code
;GMADPPSLHHEAQPLKFIAVDYCPESCTHSPESSTITLTFDHRGGSRWRSTTRFQYGTFSSLIQCPKGNTSGLNFNIYLS
SLEGDKSQDAIDFEFLGKDKRIVQTNYYTAGTGNREAIHDLGFDCSDGFHEYVIKWGPDLIQWLIDGKVIRSVRADGEGF
PQKPMFLYASVWDASYIDEGRWTGPYVGCDAPYICLYKNVNVPVGTAVE
;
_entity_poly.pdbx_strand_id   A,B
#
loop_
_chem_comp.id
_chem_comp.type
_chem_comp.name
_chem_comp.formula
BGC D-saccharide, beta linking beta-D-glucopyranose 'C6 H12 O6'
GLC D-saccharide, alpha linking alpha-D-glucopyranose 'C6 H12 O6'
XYS D-saccharide, alpha linking alpha-D-xylopyranose 'C5 H10 O5'
#
# COMPACT_ATOMS: atom_id res chain seq x y z
N GLU A 11 14.04 1.42 -36.99
CA GLU A 11 12.60 1.65 -37.02
C GLU A 11 12.01 1.66 -35.61
N ALA A 12 11.29 2.71 -35.27
CA ALA A 12 10.56 2.73 -34.02
C ALA A 12 9.09 3.00 -34.31
N GLN A 13 8.24 2.66 -33.36
CA GLN A 13 6.79 2.83 -33.48
C GLN A 13 6.22 3.26 -32.13
N PRO A 14 5.03 3.90 -32.12
CA PRO A 14 4.51 4.38 -30.84
C PRO A 14 4.30 3.27 -29.82
N LEU A 15 4.58 3.58 -28.56
CA LEU A 15 4.36 2.67 -27.46
C LEU A 15 2.90 2.76 -27.06
N LYS A 16 2.14 1.73 -27.35
CA LYS A 16 0.69 1.86 -27.14
C LYS A 16 0.24 1.57 -25.70
N PHE A 17 0.89 0.63 -25.04
CA PHE A 17 0.49 0.29 -23.67
C PHE A 17 1.65 0.39 -22.69
N ILE A 18 1.34 0.87 -21.49
CA ILE A 18 2.34 0.91 -20.44
C ILE A 18 1.85 0.22 -19.19
N ALA A 19 2.78 -0.09 -18.30
CA ALA A 19 2.43 -0.55 -16.97
C ALA A 19 2.93 0.47 -15.97
N VAL A 20 2.31 0.55 -14.78
CA VAL A 20 2.77 1.50 -13.78
C VAL A 20 3.20 0.69 -12.59
N ASP A 21 4.44 0.88 -12.14
CA ASP A 21 5.01 -0.02 -11.14
C ASP A 21 4.60 0.26 -9.69
N TYR A 22 4.27 1.52 -9.39
CA TYR A 22 3.80 1.88 -8.05
C TYR A 22 3.06 3.22 -8.11
N CYS A 23 2.24 3.50 -7.07
CA CYS A 23 1.51 4.76 -7.00
C CYS A 23 0.83 5.18 -8.31
N PRO A 24 -0.10 4.36 -8.82
CA PRO A 24 -0.69 4.65 -10.13
C PRO A 24 -1.54 5.92 -10.14
N GLU A 25 -1.91 6.44 -8.97
CA GLU A 25 -2.66 7.70 -8.92
C GLU A 25 -1.78 8.86 -9.38
N SER A 26 -0.47 8.66 -9.33
CA SER A 26 0.47 9.72 -9.69
C SER A 26 0.98 9.62 -11.14
N CYS A 27 0.38 8.74 -11.94
CA CYS A 27 0.68 8.64 -13.37
C CYS A 27 -0.62 8.65 -14.17
N THR A 28 -0.70 9.54 -15.15
CA THR A 28 -1.86 9.60 -16.04
C THR A 28 -1.48 9.22 -17.46
N HIS A 29 -2.39 8.54 -18.14
CA HIS A 29 -2.17 8.08 -19.50
C HIS A 29 -3.52 7.59 -20.05
N SER A 30 -3.67 7.61 -21.37
CA SER A 30 -4.93 7.22 -22.00
C SER A 30 -4.69 6.88 -23.47
N PRO A 31 -5.38 5.83 -23.99
CA PRO A 31 -5.22 5.44 -25.40
C PRO A 31 -5.50 6.59 -26.36
N GLU A 32 -6.34 7.54 -25.94
CA GLU A 32 -6.61 8.72 -26.75
C GLU A 32 -5.50 9.76 -26.64
N SER A 33 -4.61 9.56 -25.67
N SER A 33 -4.61 9.59 -25.65
CA SER A 33 -3.53 10.52 -25.41
CA SER A 33 -3.53 10.55 -25.47
C SER A 33 -2.16 9.99 -25.81
C SER A 33 -2.18 9.99 -25.83
N SER A 34 -1.42 10.79 -26.58
CA SER A 34 -0.04 10.46 -26.91
C SER A 34 0.85 10.92 -25.76
N THR A 35 0.23 11.48 -24.72
CA THR A 35 0.97 12.02 -23.58
C THR A 35 0.84 11.19 -22.29
N ILE A 36 1.95 11.05 -21.59
CA ILE A 36 1.97 10.37 -20.30
C ILE A 36 2.43 11.40 -19.28
N THR A 37 1.79 11.51 -18.12
CA THR A 37 2.28 12.43 -17.10
C THR A 37 2.67 11.71 -15.81
N LEU A 38 3.76 12.18 -15.19
CA LEU A 38 4.20 11.70 -13.89
C LEU A 38 4.20 12.86 -12.93
N THR A 39 3.54 12.68 -11.79
CA THR A 39 3.47 13.76 -10.80
C THR A 39 4.25 13.43 -9.54
N PHE A 40 5.10 14.35 -9.12
CA PHE A 40 5.69 14.25 -7.79
C PHE A 40 5.10 15.28 -6.83
N ASP A 41 4.63 14.75 -5.70
CA ASP A 41 4.15 15.57 -4.61
C ASP A 41 4.20 14.71 -3.34
N HIS A 42 3.40 15.05 -2.33
CA HIS A 42 3.46 14.35 -1.05
C HIS A 42 3.23 12.84 -1.20
N ARG A 43 2.55 12.44 -2.28
CA ARG A 43 2.29 11.01 -2.54
C ARG A 43 3.55 10.23 -2.93
N GLY A 44 4.58 10.91 -3.40
CA GLY A 44 5.84 10.23 -3.62
C GLY A 44 6.29 9.82 -5.01
N GLY A 45 5.64 10.36 -6.04
CA GLY A 45 6.05 10.06 -7.40
C GLY A 45 5.55 8.73 -7.92
N SER A 46 6.01 8.37 -9.12
CA SER A 46 5.61 7.12 -9.76
C SER A 46 6.62 6.74 -10.86
N ARG A 47 6.35 5.64 -11.55
CA ARG A 47 7.25 5.08 -12.57
C ARG A 47 6.43 4.30 -13.58
N TRP A 48 6.56 4.61 -14.87
CA TRP A 48 5.92 3.76 -15.87
C TRP A 48 6.96 2.99 -16.67
N ARG A 49 6.48 1.98 -17.37
CA ARG A 49 7.36 1.18 -18.22
C ARG A 49 6.62 0.59 -19.41
N SER A 50 7.39 0.17 -20.40
CA SER A 50 6.85 -0.65 -21.48
C SER A 50 6.36 -1.98 -20.89
N THR A 51 5.43 -2.67 -21.56
CA THR A 51 4.90 -3.92 -21.01
C THR A 51 5.74 -5.13 -21.42
N THR A 52 6.65 -4.92 -22.36
CA THR A 52 7.63 -5.94 -22.77
C THR A 52 9.02 -5.36 -22.67
N ARG A 53 10.01 -6.24 -22.61
CA ARG A 53 11.39 -5.85 -22.82
C ARG A 53 11.67 -5.77 -24.32
N PHE A 54 12.87 -5.30 -24.68
CA PHE A 54 13.31 -5.19 -26.06
C PHE A 54 14.75 -5.63 -26.15
N GLN A 55 15.12 -6.24 -27.28
CA GLN A 55 16.49 -6.64 -27.52
C GLN A 55 17.09 -5.72 -28.60
N TYR A 56 17.64 -4.60 -28.13
CA TYR A 56 18.21 -3.55 -28.96
C TYR A 56 17.17 -2.70 -29.69
N GLY A 57 17.59 -1.50 -30.10
CA GLY A 57 16.76 -0.66 -30.93
C GLY A 57 16.83 0.82 -30.55
N THR A 58 15.95 1.59 -31.20
CA THR A 58 15.85 3.02 -30.98
C THR A 58 14.65 3.34 -30.10
N PHE A 59 14.89 4.13 -29.05
CA PHE A 59 13.84 4.48 -28.10
C PHE A 59 13.78 6.00 -28.06
N SER A 60 12.58 6.59 -28.06
CA SER A 60 12.54 8.06 -28.02
C SER A 60 11.35 8.57 -27.24
N SER A 61 11.48 9.80 -26.75
CA SER A 61 10.32 10.50 -26.18
C SER A 61 10.52 12.00 -26.34
N LEU A 62 9.44 12.75 -26.55
CA LEU A 62 9.48 14.17 -26.21
C LEU A 62 9.27 14.27 -24.71
N ILE A 63 10.03 15.13 -24.05
CA ILE A 63 9.87 15.33 -22.60
C ILE A 63 9.84 16.80 -22.32
N GLN A 64 8.92 17.22 -21.45
CA GLN A 64 9.00 18.54 -20.84
C GLN A 64 9.01 18.37 -19.33
N CYS A 65 10.09 18.85 -18.71
CA CYS A 65 10.30 18.65 -17.29
C CYS A 65 9.50 19.68 -16.46
N PRO A 66 9.30 19.41 -15.16
CA PRO A 66 8.45 20.32 -14.39
C PRO A 66 9.02 21.72 -14.17
N LYS A 67 8.13 22.73 -14.15
CA LYS A 67 8.51 24.10 -13.82
C LYS A 67 8.89 24.26 -12.34
N GLY A 68 9.48 25.40 -11.98
CA GLY A 68 9.70 25.68 -10.58
C GLY A 68 11.00 25.16 -10.02
N ASN A 69 11.13 25.22 -8.70
CA ASN A 69 12.36 24.77 -8.05
C ASN A 69 12.33 23.27 -7.87
N THR A 70 13.04 22.57 -8.75
CA THR A 70 12.96 21.09 -8.75
C THR A 70 14.11 20.46 -7.98
N SER A 71 14.78 21.27 -7.16
CA SER A 71 15.90 20.76 -6.35
C SER A 71 15.54 19.46 -5.64
N GLY A 72 16.42 18.46 -5.72
CA GLY A 72 16.23 17.19 -5.03
C GLY A 72 15.69 16.10 -5.94
N LEU A 73 14.89 16.52 -6.90
CA LEU A 73 14.21 15.53 -7.74
C LEU A 73 15.08 15.00 -8.86
N ASN A 74 14.72 13.79 -9.30
CA ASN A 74 15.32 13.14 -10.45
C ASN A 74 14.16 12.83 -11.40
N PHE A 75 14.21 13.37 -12.61
CA PHE A 75 13.27 13.00 -13.67
C PHE A 75 14.08 12.30 -14.72
N ASN A 76 13.51 11.33 -15.41
CA ASN A 76 14.39 10.51 -16.25
C ASN A 76 13.65 9.78 -17.35
N ILE A 77 14.42 9.16 -18.24
CA ILE A 77 13.89 8.12 -19.10
C ILE A 77 15.08 7.18 -19.32
N TYR A 78 14.85 5.88 -19.17
CA TYR A 78 15.99 4.97 -19.24
C TYR A 78 15.55 3.58 -19.66
N LEU A 79 16.55 2.77 -20.01
CA LEU A 79 16.34 1.35 -20.26
C LEU A 79 16.90 0.58 -19.10
N SER A 80 16.21 -0.48 -18.65
CA SER A 80 16.82 -1.37 -17.66
C SER A 80 16.29 -2.79 -17.80
N SER A 81 17.17 -3.76 -17.56
CA SER A 81 16.76 -5.15 -17.66
C SER A 81 15.72 -5.48 -16.61
N LEU A 82 15.80 -4.84 -15.44
CA LEU A 82 14.76 -4.96 -14.41
C LEU A 82 15.02 -3.98 -13.29
N GLU A 83 14.14 -3.00 -13.10
CA GLU A 83 14.39 -2.03 -12.09
C GLU A 83 14.40 -2.67 -10.71
N GLY A 84 15.44 -2.37 -9.95
CA GLY A 84 15.57 -2.91 -8.60
C GLY A 84 16.49 -4.12 -8.52
N ASP A 85 16.79 -4.69 -9.69
CA ASP A 85 17.78 -5.76 -9.80
C ASP A 85 19.16 -5.19 -9.46
N LYS A 86 19.93 -5.88 -8.63
CA LYS A 86 21.26 -5.38 -8.29
C LYS A 86 22.32 -5.73 -9.34
N SER A 87 21.96 -6.57 -10.31
CA SER A 87 22.90 -6.84 -11.40
C SER A 87 22.30 -6.46 -12.74
N GLN A 88 21.58 -5.33 -12.76
CA GLN A 88 20.86 -4.94 -13.96
C GLN A 88 21.81 -4.43 -15.07
N ASP A 89 21.37 -4.54 -16.31
CA ASP A 89 21.95 -3.79 -17.42
C ASP A 89 21.03 -2.59 -17.57
N ALA A 90 21.57 -1.41 -17.87
CA ALA A 90 20.76 -0.22 -18.02
C ALA A 90 21.48 0.87 -18.82
N ILE A 91 20.70 1.82 -19.33
CA ILE A 91 21.20 3.00 -20.06
C ILE A 91 20.30 4.17 -19.71
N ASP A 92 20.88 5.28 -19.22
CA ASP A 92 20.07 6.37 -18.60
C ASP A 92 20.17 7.74 -19.28
N PHE A 93 19.07 8.49 -19.32
CA PHE A 93 19.02 9.96 -19.24
C PHE A 93 18.46 10.32 -17.86
N GLU A 94 19.17 11.12 -17.09
CA GLU A 94 18.60 11.57 -15.81
C GLU A 94 18.81 13.06 -15.67
N PHE A 95 17.71 13.75 -15.38
CA PHE A 95 17.75 15.17 -15.11
C PHE A 95 17.93 15.34 -13.60
N LEU A 96 18.88 16.17 -13.21
CA LEU A 96 19.18 16.39 -11.81
C LEU A 96 18.52 17.69 -11.41
N GLY A 97 17.62 17.61 -10.44
CA GLY A 97 16.65 18.67 -10.22
C GLY A 97 17.22 20.02 -9.82
N LYS A 98 18.39 20.01 -9.19
CA LYS A 98 19.05 21.25 -8.81
C LYS A 98 19.45 22.12 -10.01
N ASP A 99 19.55 21.52 -11.19
CA ASP A 99 20.03 22.24 -12.37
C ASP A 99 19.34 21.80 -13.67
N LYS A 100 18.32 22.54 -14.08
CA LYS A 100 17.57 22.11 -15.26
C LYS A 100 18.18 22.53 -16.59
N ARG A 101 19.42 23.04 -16.59
CA ARG A 101 20.08 23.23 -17.86
C ARG A 101 21.11 22.11 -18.16
N ILE A 102 21.11 21.04 -17.37
CA ILE A 102 22.04 19.93 -17.69
C ILE A 102 21.25 18.65 -17.76
N VAL A 103 21.88 17.59 -18.26
CA VAL A 103 21.33 16.26 -18.14
C VAL A 103 22.52 15.28 -17.91
N GLN A 104 22.25 14.21 -17.17
CA GLN A 104 23.28 13.21 -16.90
C GLN A 104 23.00 11.97 -17.73
N THR A 105 24.05 11.43 -18.35
CA THR A 105 23.94 10.11 -19.01
C THR A 105 24.83 9.11 -18.26
N ASN A 106 24.51 7.83 -18.38
CA ASN A 106 25.18 6.80 -17.61
C ASN A 106 24.73 5.47 -18.18
N TYR A 107 25.47 4.40 -17.89
CA TYR A 107 24.98 3.07 -18.21
C TYR A 107 25.61 2.08 -17.23
N TYR A 108 24.90 0.96 -17.06
CA TYR A 108 25.19 -0.08 -16.09
C TYR A 108 25.36 -1.39 -16.80
N THR A 109 26.37 -2.15 -16.37
CA THR A 109 26.63 -3.47 -16.89
C THR A 109 26.72 -4.47 -15.76
N ALA A 110 25.74 -5.35 -15.65
CA ALA A 110 25.68 -6.34 -14.57
C ALA A 110 25.79 -5.65 -13.22
N GLY A 111 24.99 -4.59 -13.04
CA GLY A 111 25.00 -3.83 -11.81
C GLY A 111 26.04 -2.74 -11.62
N THR A 112 27.13 -2.74 -12.39
CA THR A 112 28.19 -1.73 -12.21
C THR A 112 28.00 -0.51 -13.08
N GLY A 113 27.92 0.66 -12.46
CA GLY A 113 27.73 1.90 -13.18
C GLY A 113 29.01 2.71 -13.25
N ASN A 114 28.96 3.90 -12.68
CA ASN A 114 30.12 4.81 -12.57
C ASN A 114 30.62 5.26 -13.92
N ARG A 115 29.68 5.54 -14.81
CA ARG A 115 30.02 6.09 -16.12
C ARG A 115 29.23 7.38 -16.37
N GLU A 116 28.98 8.13 -15.30
CA GLU A 116 28.25 9.39 -15.37
C GLU A 116 28.97 10.38 -16.26
N ALA A 117 28.21 11.04 -17.12
CA ALA A 117 28.68 12.23 -17.83
C ALA A 117 27.62 13.34 -17.77
N ILE A 118 28.04 14.57 -17.55
CA ILE A 118 27.10 15.69 -17.45
C ILE A 118 27.18 16.53 -18.72
N HIS A 119 26.04 16.74 -19.35
N HIS A 119 26.04 16.75 -19.36
CA HIS A 119 25.99 17.51 -20.58
CA HIS A 119 25.97 17.48 -20.61
C HIS A 119 25.23 18.81 -20.42
C HIS A 119 25.21 18.79 -20.47
N ASP A 120 25.74 19.88 -21.02
CA ASP A 120 25.01 21.15 -21.02
C ASP A 120 23.95 21.08 -22.08
N LEU A 121 22.69 21.21 -21.70
CA LEU A 121 21.61 21.15 -22.66
C LEU A 121 21.59 22.29 -23.68
N GLY A 122 21.96 23.50 -23.27
CA GLY A 122 21.78 24.65 -24.13
C GLY A 122 20.37 25.25 -24.01
N PHE A 123 19.59 24.69 -23.10
CA PHE A 123 18.24 25.18 -22.78
C PHE A 123 17.85 24.66 -21.38
N ASP A 124 16.74 25.18 -20.88
CA ASP A 124 16.09 24.71 -19.66
C ASP A 124 15.11 23.62 -20.05
N CYS A 125 15.28 22.42 -19.51
CA CYS A 125 14.47 21.27 -19.93
C CYS A 125 12.98 21.40 -19.54
N SER A 126 12.64 22.44 -18.78
CA SER A 126 11.22 22.67 -18.46
C SER A 126 10.57 23.72 -19.36
N ASP A 127 11.35 24.30 -20.29
CA ASP A 127 10.88 25.40 -21.17
C ASP A 127 9.91 24.95 -22.25
N GLY A 128 9.89 23.66 -22.55
CA GLY A 128 9.05 23.13 -23.59
C GLY A 128 9.44 21.68 -23.85
N PHE A 129 8.86 21.06 -24.86
CA PHE A 129 9.22 19.68 -25.21
C PHE A 129 10.48 19.61 -26.03
N HIS A 130 11.36 18.67 -25.68
CA HIS A 130 12.55 18.37 -26.48
C HIS A 130 12.61 16.87 -26.70
N GLU A 131 13.33 16.46 -27.75
CA GLU A 131 13.35 15.04 -28.13
C GLU A 131 14.60 14.33 -27.58
N TYR A 132 14.39 13.30 -26.78
CA TYR A 132 15.49 12.53 -26.18
C TYR A 132 15.46 11.15 -26.77
N VAL A 133 16.60 10.70 -27.29
CA VAL A 133 16.66 9.41 -27.99
C VAL A 133 17.80 8.56 -27.46
N ILE A 134 17.54 7.27 -27.26
CA ILE A 134 18.60 6.32 -27.01
C ILE A 134 18.63 5.31 -28.15
N LYS A 135 19.79 5.15 -28.79
CA LYS A 135 19.98 4.11 -29.78
C LYS A 135 20.91 3.08 -29.18
N TRP A 136 20.42 1.85 -29.06
CA TRP A 136 21.17 0.82 -28.38
C TRP A 136 21.38 -0.40 -29.28
N GLY A 137 22.64 -0.72 -29.52
CA GLY A 137 22.98 -1.88 -30.32
C GLY A 137 23.98 -2.71 -29.57
N PRO A 138 24.32 -3.90 -30.11
CA PRO A 138 25.23 -4.80 -29.40
C PRO A 138 26.64 -4.25 -29.22
N ASP A 139 27.06 -3.26 -30.01
CA ASP A 139 28.40 -2.67 -29.89
C ASP A 139 28.38 -1.15 -29.70
N LEU A 140 27.19 -0.53 -29.64
CA LEU A 140 27.12 0.92 -29.74
C LEU A 140 25.91 1.47 -28.96
N ILE A 141 26.13 2.50 -28.16
CA ILE A 141 25.03 3.25 -27.58
C ILE A 141 25.20 4.70 -27.98
N GLN A 142 24.16 5.29 -28.54
CA GLN A 142 24.16 6.74 -28.80
C GLN A 142 23.07 7.42 -27.99
N TRP A 143 23.37 8.58 -27.43
CA TRP A 143 22.38 9.43 -26.79
C TRP A 143 22.17 10.67 -27.65
N LEU A 144 20.92 10.98 -28.02
CA LEU A 144 20.68 12.16 -28.86
C LEU A 144 19.66 13.08 -28.22
N ILE A 145 19.89 14.38 -28.41
CA ILE A 145 18.96 15.41 -27.95
C ILE A 145 18.71 16.36 -29.10
N ASP A 146 17.43 16.47 -29.45
CA ASP A 146 16.98 17.28 -30.58
C ASP A 146 17.78 16.99 -31.84
N GLY A 147 18.10 15.70 -32.05
CA GLY A 147 18.73 15.23 -33.26
C GLY A 147 20.24 15.25 -33.25
N LYS A 148 20.82 15.77 -32.17
CA LYS A 148 22.27 15.87 -32.06
C LYS A 148 22.84 14.77 -31.18
N VAL A 149 23.87 14.05 -31.65
CA VAL A 149 24.54 13.07 -30.79
C VAL A 149 25.37 13.76 -29.70
N ILE A 150 25.01 13.58 -28.43
CA ILE A 150 25.71 14.24 -27.33
C ILE A 150 26.76 13.36 -26.67
N ARG A 151 26.65 12.05 -26.89
CA ARG A 151 27.55 11.08 -26.32
C ARG A 151 27.37 9.76 -27.04
N SER A 152 28.47 9.03 -27.28
CA SER A 152 28.31 7.65 -27.73
C SER A 152 29.42 6.77 -27.19
N VAL A 153 29.13 5.49 -26.93
CA VAL A 153 30.10 4.58 -26.35
C VAL A 153 30.02 3.22 -27.04
N ARG A 154 31.11 2.47 -27.02
CA ARG A 154 31.17 1.15 -27.66
C ARG A 154 31.53 0.08 -26.66
N ALA A 155 31.27 -1.19 -26.97
CA ALA A 155 31.59 -2.26 -26.03
C ALA A 155 33.09 -2.32 -25.69
N ASP A 156 33.94 -2.19 -26.71
CA ASP A 156 35.37 -2.01 -26.46
C ASP A 156 36.05 -3.15 -25.68
N GLY A 157 35.56 -4.37 -25.80
CA GLY A 157 36.13 -5.49 -25.05
C GLY A 157 35.91 -5.48 -23.54
N GLU A 158 34.94 -4.70 -23.09
CA GLU A 158 34.59 -4.62 -21.68
C GLU A 158 33.08 -4.88 -21.56
N GLY A 159 32.56 -4.92 -20.34
CA GLY A 159 31.15 -5.25 -20.16
C GLY A 159 30.28 -4.18 -20.81
N PHE A 160 29.12 -4.57 -21.33
CA PHE A 160 28.25 -3.69 -22.12
C PHE A 160 26.81 -4.16 -21.86
N PRO A 161 25.82 -3.25 -21.94
CA PRO A 161 24.42 -3.71 -21.79
C PRO A 161 23.98 -4.68 -22.90
N GLN A 162 23.61 -5.90 -22.54
CA GLN A 162 23.22 -6.88 -23.55
CA GLN A 162 23.19 -6.79 -23.53
C GLN A 162 21.93 -7.63 -23.21
N LYS A 163 21.57 -7.66 -21.93
CA LYS A 163 20.27 -8.25 -21.57
C LYS A 163 19.10 -7.47 -22.17
N PRO A 164 17.99 -8.13 -22.53
CA PRO A 164 16.81 -7.38 -22.98
C PRO A 164 16.31 -6.47 -21.89
N MET A 165 15.82 -5.31 -22.28
CA MET A 165 15.52 -4.26 -21.31
C MET A 165 14.16 -3.63 -21.56
N PHE A 166 13.51 -3.22 -20.47
CA PHE A 166 12.30 -2.40 -20.55
C PHE A 166 12.66 -0.97 -20.83
N LEU A 167 11.76 -0.21 -21.44
CA LEU A 167 11.82 1.26 -21.33
C LEU A 167 11.12 1.69 -20.04
N TYR A 168 11.77 2.56 -19.28
CA TYR A 168 11.28 3.07 -18.00
C TYR A 168 11.31 4.58 -17.92
N ALA A 169 10.44 5.17 -17.09
CA ALA A 169 10.59 6.59 -16.71
C ALA A 169 9.94 6.78 -15.35
N SER A 170 10.62 7.54 -14.51
CA SER A 170 10.12 7.87 -13.18
C SER A 170 10.42 9.31 -12.79
N VAL A 171 9.75 9.75 -11.73
CA VAL A 171 10.16 10.92 -11.01
C VAL A 171 10.31 10.50 -9.55
N TRP A 172 11.45 10.84 -8.96
CA TRP A 172 11.68 10.47 -7.57
C TRP A 172 12.52 11.49 -6.80
N ASP A 173 12.49 11.39 -5.47
CA ASP A 173 13.22 12.28 -4.60
C ASP A 173 14.56 11.68 -4.26
N ALA A 174 15.60 12.12 -4.96
CA ALA A 174 16.93 11.56 -4.82
C ALA A 174 17.82 12.44 -3.95
N SER A 175 17.21 13.39 -3.22
CA SER A 175 17.94 14.34 -2.37
C SER A 175 18.77 13.63 -1.28
N TYR A 176 18.39 12.39 -0.97
CA TYR A 176 19.11 11.58 0.02
C TYR A 176 20.43 10.97 -0.51
N ILE A 177 20.64 11.05 -1.82
CA ILE A 177 21.85 10.48 -2.43
C ILE A 177 23.04 11.44 -2.28
N ASP A 178 24.20 10.89 -1.89
CA ASP A 178 25.42 11.68 -1.72
C ASP A 178 25.19 12.92 -0.84
N GLU A 179 24.39 12.77 0.21
CA GLU A 179 24.09 13.87 1.13
C GLU A 179 23.59 15.13 0.42
N GLY A 180 22.79 14.94 -0.63
CA GLY A 180 22.19 16.03 -1.38
C GLY A 180 23.09 16.60 -2.47
N ARG A 181 24.31 16.08 -2.61
CA ARG A 181 25.22 16.65 -3.59
C ARG A 181 24.81 16.33 -5.04
N TRP A 182 24.12 15.21 -5.23
CA TRP A 182 23.79 14.76 -6.58
C TRP A 182 22.67 15.60 -7.19
N THR A 183 21.54 15.68 -6.51
CA THR A 183 20.40 16.40 -7.07
C THR A 183 19.97 17.60 -6.25
N GLY A 184 20.62 17.85 -5.11
CA GLY A 184 20.24 19.00 -4.29
C GLY A 184 19.30 18.60 -3.18
N PRO A 185 19.06 19.52 -2.24
CA PRO A 185 18.04 19.22 -1.25
C PRO A 185 16.65 19.32 -1.85
N TYR A 186 15.70 18.52 -1.39
CA TYR A 186 14.33 18.68 -1.86
C TYR A 186 13.66 19.80 -1.09
N VAL A 187 13.42 20.92 -1.75
CA VAL A 187 12.71 22.03 -1.10
C VAL A 187 11.20 21.89 -1.27
N GLY A 188 10.76 21.45 -2.44
CA GLY A 188 9.36 21.07 -2.67
C GLY A 188 8.34 22.21 -2.75
N CYS A 189 8.83 23.42 -2.96
CA CYS A 189 7.96 24.60 -2.95
C CYS A 189 7.10 24.78 -4.20
N ASP A 190 7.32 23.98 -5.23
CA ASP A 190 6.48 24.06 -6.43
C ASP A 190 5.76 22.74 -6.73
N ALA A 191 5.45 22.00 -5.68
CA ALA A 191 4.66 20.79 -5.85
C ALA A 191 3.20 21.20 -6.08
N PRO A 192 2.45 20.40 -6.86
CA PRO A 192 2.88 19.17 -7.56
C PRO A 192 3.78 19.42 -8.77
N TYR A 193 4.80 18.58 -8.92
CA TYR A 193 5.71 18.68 -10.05
C TYR A 193 5.23 17.75 -11.13
N ILE A 194 4.81 18.29 -12.27
CA ILE A 194 4.31 17.46 -13.35
C ILE A 194 5.29 17.33 -14.53
N CYS A 195 5.76 16.09 -14.76
CA CYS A 195 6.65 15.82 -15.89
C CYS A 195 5.85 15.23 -17.03
N LEU A 196 6.02 15.80 -18.23
CA LEU A 196 5.26 15.41 -19.42
C LEU A 196 6.08 14.57 -20.41
N TYR A 197 5.55 13.41 -20.77
CA TYR A 197 6.14 12.57 -21.82
C TYR A 197 5.16 12.49 -22.97
N LYS A 198 5.63 12.75 -24.18
CA LYS A 198 4.75 12.71 -25.36
C LYS A 198 5.41 11.99 -26.56
N ASN A 199 4.61 11.23 -27.31
CA ASN A 199 5.11 10.54 -28.51
C ASN A 199 6.22 9.57 -28.19
N VAL A 200 6.01 8.74 -27.17
CA VAL A 200 7.00 7.72 -26.85
C VAL A 200 7.03 6.67 -27.96
N ASN A 201 8.23 6.37 -28.45
CA ASN A 201 8.43 5.33 -29.44
C ASN A 201 9.41 4.28 -28.99
N VAL A 202 9.18 3.05 -29.42
CA VAL A 202 9.97 1.90 -29.04
C VAL A 202 10.22 1.05 -30.29
N PRO A 203 11.22 0.15 -30.25
CA PRO A 203 11.65 -0.58 -31.47
C PRO A 203 10.57 -1.36 -32.18
N GLY A 205 9.66 -4.29 -33.16
CA GLY A 205 10.13 -5.46 -33.87
C GLY A 205 11.16 -6.26 -33.12
N THR A 206 11.68 -5.72 -32.02
CA THR A 206 12.61 -6.44 -31.16
C THR A 206 12.03 -6.75 -29.77
N ALA A 207 10.73 -6.54 -29.59
CA ALA A 207 10.10 -6.94 -28.31
C ALA A 207 10.26 -8.43 -28.02
N VAL A 208 10.55 -8.80 -26.76
CA VAL A 208 10.58 -10.24 -26.43
C VAL A 208 9.55 -10.66 -25.36
N GLU B 11 -18.86 -3.30 36.92
CA GLU B 11 -19.36 -4.67 36.90
C GLU B 11 -20.05 -4.99 35.57
N ALA B 12 -19.86 -6.21 35.08
CA ALA B 12 -20.55 -6.68 33.88
C ALA B 12 -21.51 -7.85 34.20
N GLN B 13 -22.49 -8.07 33.32
CA GLN B 13 -23.49 -9.12 33.47
C GLN B 13 -23.63 -9.92 32.16
N PRO B 14 -24.18 -11.14 32.24
CA PRO B 14 -24.41 -11.93 31.02
C PRO B 14 -25.30 -11.23 29.99
N LEU B 15 -24.91 -11.33 28.72
CA LEU B 15 -25.70 -10.80 27.60
C LEU B 15 -26.80 -11.78 27.27
N LYS B 16 -28.05 -11.44 27.58
CA LYS B 16 -29.13 -12.41 27.47
C LYS B 16 -29.61 -12.57 26.03
N PHE B 17 -29.77 -11.44 25.35
CA PHE B 17 -30.37 -11.44 24.02
C PHE B 17 -29.43 -10.79 23.03
N ILE B 18 -29.36 -11.34 21.82
CA ILE B 18 -28.56 -10.72 20.74
C ILE B 18 -29.42 -10.50 19.52
N ALA B 19 -28.91 -9.70 18.61
CA ALA B 19 -29.50 -9.59 17.29
C ALA B 19 -28.49 -10.01 16.26
N VAL B 20 -28.98 -10.46 15.11
CA VAL B 20 -28.10 -10.87 14.02
C VAL B 20 -28.32 -9.99 12.79
N ASP B 21 -27.26 -9.37 12.29
CA ASP B 21 -27.43 -8.31 11.33
C ASP B 21 -27.57 -8.77 9.89
N TYR B 22 -27.07 -9.98 9.60
CA TYR B 22 -27.20 -10.58 8.28
C TYR B 22 -26.84 -12.06 8.34
N CYS B 23 -27.26 -12.84 7.32
CA CYS B 23 -27.00 -14.29 7.30
C CYS B 23 -27.27 -15.00 8.63
N PRO B 24 -28.52 -14.98 9.12
CA PRO B 24 -28.84 -15.57 10.43
C PRO B 24 -28.63 -17.09 10.47
N GLU B 25 -28.61 -17.74 9.31
CA GLU B 25 -28.32 -19.17 9.26
C GLU B 25 -26.88 -19.47 9.66
N SER B 26 -26.02 -18.46 9.55
CA SER B 26 -24.60 -18.62 9.85
C SER B 26 -24.24 -18.19 11.27
N CYS B 27 -25.24 -18.00 12.12
CA CYS B 27 -25.02 -17.70 13.54
C CYS B 27 -25.98 -18.51 14.39
N THR B 28 -25.48 -19.16 15.42
CA THR B 28 -26.37 -19.91 16.30
C THR B 28 -26.25 -19.43 17.71
N HIS B 29 -27.34 -19.56 18.45
CA HIS B 29 -27.48 -19.00 19.77
C HIS B 29 -28.79 -19.53 20.35
N SER B 30 -28.77 -19.95 21.61
CA SER B 30 -29.97 -20.47 22.28
C SER B 30 -30.00 -20.01 23.73
N PRO B 31 -31.19 -19.79 24.31
CA PRO B 31 -31.24 -19.39 25.71
C PRO B 31 -30.53 -20.42 26.56
N GLU B 32 -30.72 -21.68 26.20
CA GLU B 32 -30.14 -22.83 26.91
C GLU B 32 -28.63 -22.80 26.90
N SER B 33 -28.09 -21.96 26.02
CA SER B 33 -26.70 -22.02 25.61
CA SER B 33 -26.73 -21.93 25.63
C SER B 33 -26.00 -20.72 25.95
N SER B 34 -24.91 -20.80 26.71
CA SER B 34 -24.09 -19.61 26.96
C SER B 34 -23.03 -19.47 25.85
N THR B 35 -23.27 -20.15 24.74
CA THR B 35 -22.38 -20.11 23.58
C THR B 35 -23.07 -19.52 22.36
N ILE B 36 -22.37 -18.61 21.69
CA ILE B 36 -22.81 -18.09 20.41
C ILE B 36 -21.83 -18.59 19.37
N THR B 37 -22.28 -19.10 18.23
CA THR B 37 -21.27 -19.48 17.23
C THR B 37 -21.45 -18.66 15.95
N LEU B 38 -20.33 -18.34 15.30
CA LEU B 38 -20.35 -17.72 14.00
C LEU B 38 -19.63 -18.62 13.03
N THR B 39 -20.26 -18.90 11.89
CA THR B 39 -19.64 -19.77 10.90
C THR B 39 -19.27 -19.03 9.62
N PHE B 40 -18.06 -19.24 9.11
CA PHE B 40 -17.74 -18.69 7.78
C PHE B 40 -17.58 -19.83 6.79
N ASP B 41 -18.27 -19.71 5.66
CA ASP B 41 -18.18 -20.68 4.58
C ASP B 41 -18.70 -20.00 3.32
N HIS B 42 -19.18 -20.81 2.35
CA HIS B 42 -19.67 -20.24 1.09
C HIS B 42 -20.79 -19.22 1.29
N ARG B 43 -21.48 -19.26 2.42
CA ARG B 43 -22.60 -18.34 2.65
C ARG B 43 -22.15 -16.95 3.06
N GLY B 44 -20.88 -16.82 3.44
CA GLY B 44 -20.29 -15.52 3.65
C GLY B 44 -20.21 -14.90 5.03
N GLY B 45 -20.34 -15.71 6.08
CA GLY B 45 -20.17 -15.20 7.43
C GLY B 45 -21.41 -14.53 8.02
N SER B 46 -21.25 -13.96 9.21
CA SER B 46 -22.39 -13.31 9.88
C SER B 46 -21.86 -12.38 10.94
N ARG B 47 -22.76 -11.67 11.61
CA ARG B 47 -22.40 -10.66 12.61
C ARG B 47 -23.51 -10.62 13.67
N TRP B 48 -23.16 -10.74 14.95
CA TRP B 48 -24.17 -10.52 15.99
C TRP B 48 -23.87 -9.26 16.76
N ARG B 49 -24.84 -8.81 17.55
CA ARG B 49 -24.64 -7.64 18.39
C ARG B 49 -25.57 -7.67 19.60
N SER B 50 -25.23 -6.89 20.61
CA SER B 50 -26.17 -6.55 21.67
C SER B 50 -27.40 -5.80 21.11
N THR B 51 -28.52 -5.88 21.82
CA THR B 51 -29.77 -5.34 21.30
C THR B 51 -29.92 -3.88 21.73
N THR B 52 -29.07 -3.44 22.66
CA THR B 52 -29.00 -2.03 23.04
C THR B 52 -27.56 -1.57 22.89
N ARG B 53 -27.38 -0.25 22.87
CA ARG B 53 -26.07 0.35 23.05
C ARG B 53 -25.74 0.47 24.53
N PHE B 54 -24.52 0.92 24.84
CA PHE B 54 -24.08 1.12 26.22
C PHE B 54 -23.26 2.40 26.30
N GLN B 55 -23.37 3.12 27.40
CA GLN B 55 -22.55 4.32 27.60
C GLN B 55 -21.48 3.98 28.61
N TYR B 56 -20.32 3.56 28.11
CA TYR B 56 -19.18 3.06 28.91
C TYR B 56 -19.43 1.75 29.64
N GLY B 57 -18.33 1.12 30.03
CA GLY B 57 -18.40 -0.07 30.86
C GLY B 57 -17.43 -1.17 30.44
N THR B 58 -17.53 -2.31 31.12
CA THR B 58 -16.71 -3.48 30.83
C THR B 58 -17.46 -4.49 29.99
N PHE B 59 -16.79 -4.99 28.95
CA PHE B 59 -17.33 -5.98 28.03
C PHE B 59 -16.39 -7.19 27.93
N SER B 60 -16.93 -8.39 27.89
CA SER B 60 -16.04 -9.55 27.82
C SER B 60 -16.64 -10.75 27.14
N SER B 61 -15.76 -11.66 26.74
CA SER B 61 -16.19 -12.89 26.15
C SER B 61 -15.06 -13.88 26.22
N LEU B 62 -15.39 -15.15 26.46
CA LEU B 62 -14.46 -16.21 26.12
C LEU B 62 -14.55 -16.39 24.61
N ILE B 63 -13.41 -16.52 23.93
CA ILE B 63 -13.45 -16.80 22.51
C ILE B 63 -12.51 -17.95 22.16
N GLN B 64 -12.96 -18.87 21.30
CA GLN B 64 -12.06 -19.84 20.66
C GLN B 64 -12.19 -19.67 19.15
N CYS B 65 -11.11 -19.28 18.48
CA CYS B 65 -11.15 -19.03 17.04
C CYS B 65 -11.13 -20.32 16.23
N PRO B 66 -11.51 -20.26 14.94
CA PRO B 66 -11.57 -21.52 14.18
C PRO B 66 -10.23 -22.17 14.01
N LYS B 67 -10.23 -23.51 14.09
CA LYS B 67 -9.08 -24.32 13.70
C LYS B 67 -8.77 -24.24 12.20
N GLY B 68 -7.58 -24.73 11.82
CA GLY B 68 -7.23 -24.79 10.41
C GLY B 68 -6.59 -23.55 9.81
N ASN B 69 -6.46 -23.54 8.50
CA ASN B 69 -5.81 -22.43 7.79
C ASN B 69 -6.84 -21.32 7.59
N THR B 70 -6.81 -20.34 8.49
CA THR B 70 -7.81 -19.26 8.49
C THR B 70 -7.32 -18.05 7.69
N SER B 71 -6.36 -18.24 6.79
CA SER B 71 -5.81 -17.09 6.05
C SER B 71 -6.94 -16.32 5.33
N GLY B 72 -6.85 -14.99 5.32
CA GLY B 72 -7.88 -14.16 4.71
C GLY B 72 -8.96 -13.67 5.68
N LEU B 73 -9.30 -14.49 6.66
CA LEU B 73 -10.46 -14.18 7.51
C LEU B 73 -10.12 -13.18 8.61
N ASN B 74 -11.17 -12.50 9.08
CA ASN B 74 -11.08 -11.62 10.23
C ASN B 74 -12.12 -12.12 11.23
N PHE B 75 -11.64 -12.55 12.40
CA PHE B 75 -12.53 -12.86 13.53
C PHE B 75 -12.39 -11.75 14.56
N ASN B 76 -13.47 -11.41 15.27
CA ASN B 76 -13.32 -10.25 16.10
C ASN B 76 -14.34 -10.17 17.23
N ILE B 77 -14.11 -9.20 18.11
CA ILE B 77 -15.15 -8.73 19.01
C ILE B 77 -14.86 -7.24 19.21
N TYR B 78 -15.87 -6.39 19.13
CA TYR B 78 -15.60 -4.95 19.15
C TYR B 78 -16.83 -4.16 19.57
N LEU B 79 -16.59 -2.91 19.93
CA LEU B 79 -17.67 -1.95 20.19
C LEU B 79 -17.79 -1.00 19.01
N SER B 80 -19.01 -0.66 18.59
CA SER B 80 -19.15 0.41 17.61
C SER B 80 -20.45 1.15 17.83
N SER B 81 -20.44 2.44 17.54
CA SER B 81 -21.65 3.25 17.70
C SER B 81 -22.70 2.83 16.66
N LEU B 82 -22.25 2.34 15.51
CA LEU B 82 -23.13 1.77 14.49
C LEU B 82 -22.31 1.19 13.35
N GLU B 83 -22.37 -0.13 13.16
CA GLU B 83 -21.56 -0.74 12.13
C GLU B 83 -21.99 -0.24 10.75
N GLY B 84 -21.02 0.23 9.97
CA GLY B 84 -21.31 0.69 8.62
C GLY B 84 -21.30 2.21 8.52
N ASP B 85 -21.57 2.86 9.64
N ASP B 85 -21.50 2.87 9.65
CA ASP B 85 -21.47 4.33 9.75
CA ASP B 85 -21.54 4.33 9.64
C ASP B 85 -20.10 4.79 9.29
C ASP B 85 -20.14 4.96 9.49
N LYS B 86 -20.03 5.89 8.54
CA LYS B 86 -18.73 6.41 8.13
C LYS B 86 -18.10 7.32 9.19
N SER B 87 -18.85 7.69 10.21
CA SER B 87 -18.31 8.50 11.31
C SER B 87 -18.37 7.77 12.66
N GLN B 88 -18.12 6.47 12.68
CA GLN B 88 -18.31 5.71 13.92
C GLN B 88 -17.25 6.00 14.98
N ASP B 89 -17.63 5.84 16.23
CA ASP B 89 -16.70 5.56 17.31
C ASP B 89 -16.60 4.05 17.44
N ALA B 90 -15.42 3.51 17.66
CA ALA B 90 -15.30 2.05 17.77
C ALA B 90 -14.07 1.67 18.58
N ILE B 91 -14.12 0.49 19.19
CA ILE B 91 -12.98 -0.09 19.92
C ILE B 91 -12.88 -1.58 19.57
N ASP B 92 -11.72 -2.03 19.10
CA ASP B 92 -11.58 -3.34 18.42
C ASP B 92 -10.62 -4.35 19.06
N PHE B 93 -11.00 -5.64 19.10
CA PHE B 93 -10.07 -6.79 18.99
C PHE B 93 -10.26 -7.41 17.62
N GLU B 94 -9.21 -7.53 16.82
CA GLU B 94 -9.38 -8.22 15.54
C GLU B 94 -8.29 -9.26 15.35
N PHE B 95 -8.71 -10.49 15.12
CA PHE B 95 -7.77 -11.55 14.83
C PHE B 95 -7.55 -11.58 13.31
N LEU B 96 -6.28 -11.62 12.90
CA LEU B 96 -5.94 -11.63 11.47
C LEU B 96 -5.64 -13.07 11.07
N GLY B 97 -6.39 -13.59 10.11
CA GLY B 97 -6.49 -15.01 9.91
C GLY B 97 -5.20 -15.68 9.48
N LYS B 98 -4.31 -14.91 8.87
CA LYS B 98 -3.03 -15.45 8.45
C LYS B 98 -2.15 -15.86 9.61
N ASP B 99 -2.41 -15.30 10.79
CA ASP B 99 -1.54 -15.53 11.93
C ASP B 99 -2.32 -15.58 13.24
N LYS B 100 -2.59 -16.79 13.74
CA LYS B 100 -3.45 -16.97 14.88
C LYS B 100 -2.71 -16.85 16.21
N ARG B 101 -1.43 -16.46 16.14
CA ARG B 101 -0.66 -16.19 17.35
C ARG B 101 -0.55 -14.71 17.67
N ILE B 102 -1.21 -13.86 16.91
CA ILE B 102 -1.26 -12.44 17.26
C ILE B 102 -2.71 -11.98 17.35
N VAL B 103 -2.90 -10.76 17.86
CA VAL B 103 -4.18 -10.06 17.79
C VAL B 103 -3.92 -8.58 17.51
N GLN B 104 -4.80 -7.97 16.75
CA GLN B 104 -4.68 -6.54 16.50
C GLN B 104 -5.67 -5.77 17.35
N THR B 105 -5.22 -4.69 18.01
CA THR B 105 -6.18 -3.75 18.61
C THR B 105 -6.19 -2.43 17.85
N ASN B 106 -7.31 -1.69 17.98
CA ASN B 106 -7.50 -0.46 17.22
C ASN B 106 -8.68 0.28 17.85
N TYR B 107 -8.80 1.55 17.52
CA TYR B 107 -10.02 2.26 17.87
C TYR B 107 -10.24 3.43 16.94
N TYR B 108 -11.51 3.79 16.80
CA TYR B 108 -11.98 4.83 15.90
C TYR B 108 -12.65 5.96 16.67
N THR B 109 -12.43 7.17 16.18
CA THR B 109 -13.07 8.36 16.72
C THR B 109 -13.66 9.17 15.57
N ALA B 110 -15.00 9.30 15.54
CA ALA B 110 -15.66 9.99 14.44
C ALA B 110 -15.15 9.55 13.06
N GLY B 111 -15.05 8.23 12.85
CA GLY B 111 -14.65 7.69 11.56
C GLY B 111 -13.16 7.53 11.31
N THR B 112 -12.34 8.14 12.18
CA THR B 112 -10.89 8.07 12.02
C THR B 112 -10.29 6.96 12.89
N GLY B 113 -9.60 6.02 12.24
CA GLY B 113 -8.87 4.96 12.95
C GLY B 113 -7.38 5.24 12.96
N ASN B 114 -6.62 4.31 12.34
CA ASN B 114 -5.17 4.41 12.18
C ASN B 114 -4.46 4.37 13.53
N ARG B 115 -4.99 3.54 14.41
CA ARG B 115 -4.39 3.34 15.72
C ARG B 115 -4.10 1.87 15.99
N GLU B 116 -3.77 1.12 14.94
CA GLU B 116 -3.53 -0.32 15.07
C GLU B 116 -2.31 -0.61 15.92
N ALA B 117 -2.40 -1.62 16.75
CA ALA B 117 -1.25 -2.16 17.46
C ALA B 117 -1.30 -3.69 17.41
N ILE B 118 -0.16 -4.33 17.16
CA ILE B 118 -0.07 -5.80 17.07
C ILE B 118 0.51 -6.39 18.33
N HIS B 119 -0.24 -7.26 18.98
CA HIS B 119 0.17 -7.91 20.22
C HIS B 119 0.40 -9.40 20.02
N ASP B 120 1.55 -9.90 20.46
CA ASP B 120 1.81 -11.33 20.48
C ASP B 120 1.01 -12.05 21.56
N LEU B 121 0.10 -12.96 21.19
CA LEU B 121 -0.80 -13.59 22.19
C LEU B 121 -0.03 -14.46 23.16
N GLY B 122 1.01 -15.12 22.66
CA GLY B 122 1.70 -16.12 23.47
C GLY B 122 1.03 -17.49 23.38
N PHE B 123 0.00 -17.57 22.54
CA PHE B 123 -0.72 -18.81 22.30
C PHE B 123 -1.43 -18.70 20.94
N ASP B 124 -2.00 -19.81 20.49
CA ASP B 124 -2.74 -19.85 19.24
C ASP B 124 -4.20 -19.69 19.63
N CYS B 125 -4.85 -18.64 19.12
CA CYS B 125 -6.21 -18.29 19.59
C CYS B 125 -7.29 -19.33 19.24
N SER B 126 -6.92 -20.37 18.48
CA SER B 126 -7.85 -21.47 18.18
C SER B 126 -7.61 -22.72 19.04
N ASP B 127 -6.64 -22.67 19.97
CA ASP B 127 -6.24 -23.85 20.77
C ASP B 127 -7.21 -24.19 21.91
N GLY B 128 -8.04 -23.23 22.25
CA GLY B 128 -8.98 -23.32 23.37
C GLY B 128 -9.59 -21.95 23.60
N PHE B 129 -10.42 -21.84 24.65
CA PHE B 129 -11.05 -20.55 24.99
C PHE B 129 -10.10 -19.66 25.77
N HIS B 130 -10.05 -18.36 25.43
CA HIS B 130 -9.34 -17.37 26.19
C HIS B 130 -10.27 -16.19 26.46
N GLU B 131 -9.93 -15.41 27.48
CA GLU B 131 -10.80 -14.32 27.91
C GLU B 131 -10.37 -12.98 27.36
N TYR B 132 -11.24 -12.36 26.56
CA TYR B 132 -10.99 -11.07 25.96
C TYR B 132 -11.91 -10.02 26.60
N VAL B 133 -11.33 -8.93 27.07
CA VAL B 133 -12.06 -7.91 27.81
C VAL B 133 -11.74 -6.51 27.27
N ILE B 134 -12.78 -5.71 27.09
CA ILE B 134 -12.59 -4.27 26.84
C ILE B 134 -13.18 -3.46 27.98
N LYS B 135 -12.38 -2.57 28.54
CA LYS B 135 -12.86 -1.68 29.59
C LYS B 135 -12.87 -0.29 29.00
N TRP B 136 -14.06 0.29 28.87
CA TRP B 136 -14.20 1.56 28.17
C TRP B 136 -14.77 2.63 29.09
N GLY B 137 -13.97 3.64 29.39
CA GLY B 137 -14.39 4.73 30.24
C GLY B 137 -14.22 6.04 29.51
N PRO B 138 -14.68 7.14 30.12
CA PRO B 138 -14.62 8.43 29.43
C PRO B 138 -13.22 8.94 29.17
N ASP B 139 -12.22 8.50 29.92
CA ASP B 139 -10.84 8.93 29.61
C ASP B 139 -9.82 7.81 29.55
N LEU B 140 -10.28 6.57 29.62
CA LEU B 140 -9.37 5.44 29.58
C LEU B 140 -10.03 4.22 28.92
N ILE B 141 -9.27 3.59 28.03
CA ILE B 141 -9.64 2.30 27.46
C ILE B 141 -8.56 1.28 27.80
N GLN B 142 -8.97 0.11 28.29
CA GLN B 142 -8.02 -0.99 28.45
C GLN B 142 -8.49 -2.22 27.73
N TRP B 143 -7.54 -2.94 27.14
CA TRP B 143 -7.77 -4.24 26.54
C TRP B 143 -7.06 -5.28 27.40
N LEU B 144 -7.75 -6.35 27.77
CA LEU B 144 -7.14 -7.39 28.59
C LEU B 144 -7.30 -8.74 27.96
N ILE B 145 -6.33 -9.62 28.16
CA ILE B 145 -6.42 -10.97 27.65
C ILE B 145 -5.98 -11.90 28.76
N ASP B 146 -6.87 -12.83 29.12
CA ASP B 146 -6.62 -13.76 30.20
C ASP B 146 -6.21 -12.99 31.46
N GLY B 147 -6.88 -11.86 31.68
CA GLY B 147 -6.65 -11.07 32.86
C GLY B 147 -5.45 -10.15 32.86
N LYS B 148 -4.67 -10.13 31.78
CA LYS B 148 -3.53 -9.24 31.73
C LYS B 148 -3.85 -8.06 30.83
N VAL B 149 -3.52 -6.84 31.28
CA VAL B 149 -3.69 -5.67 30.41
C VAL B 149 -2.67 -5.73 29.28
N ILE B 150 -3.13 -5.70 28.03
CA ILE B 150 -2.21 -5.69 26.88
C ILE B 150 -2.11 -4.35 26.18
N ARG B 151 -3.01 -3.43 26.54
CA ARG B 151 -2.99 -2.10 25.95
C ARG B 151 -3.83 -1.16 26.80
N SER B 152 -3.35 0.07 26.96
CA SER B 152 -4.02 1.06 27.79
C SER B 152 -3.96 2.41 27.14
N VAL B 153 -5.12 3.01 26.82
CA VAL B 153 -5.14 4.29 26.14
C VAL B 153 -5.80 5.31 27.04
N ARG B 154 -5.06 6.40 27.30
CA ARG B 154 -5.57 7.50 28.11
C ARG B 154 -5.90 8.66 27.19
N ALA B 155 -7.04 9.30 27.43
CA ALA B 155 -7.44 10.44 26.64
C ALA B 155 -6.42 11.53 26.87
N ASP B 156 -5.96 12.18 25.80
CA ASP B 156 -4.90 13.16 25.93
C ASP B 156 -5.05 14.27 24.91
N GLY B 157 -6.29 14.47 24.45
CA GLY B 157 -6.62 15.60 23.58
C GLY B 157 -6.63 15.32 22.08
N GLU B 158 -6.65 14.04 21.71
CA GLU B 158 -6.56 13.63 20.30
C GLU B 158 -7.83 12.94 19.79
N GLY B 159 -8.97 13.21 20.44
CA GLY B 159 -10.21 12.52 20.11
C GLY B 159 -10.32 11.21 20.87
N PHE B 160 -11.54 10.79 21.17
CA PHE B 160 -11.77 9.64 22.05
C PHE B 160 -13.21 9.13 21.84
N PRO B 161 -13.39 7.79 21.87
CA PRO B 161 -14.74 7.20 21.70
C PRO B 161 -15.69 7.64 22.81
N GLN B 162 -16.76 8.36 22.46
CA GLN B 162 -17.69 8.87 23.50
CA GLN B 162 -17.68 8.89 23.48
C GLN B 162 -19.16 8.60 23.18
N LYS B 163 -19.49 8.27 21.93
CA LYS B 163 -20.89 7.92 21.60
C LYS B 163 -21.22 6.57 22.19
N PRO B 164 -22.50 6.37 22.55
CA PRO B 164 -22.93 5.03 22.98
C PRO B 164 -22.64 4.00 21.92
N MET B 165 -22.29 2.79 22.33
CA MET B 165 -21.88 1.74 21.39
C MET B 165 -22.53 0.40 21.66
N PHE B 166 -22.78 -0.36 20.59
CA PHE B 166 -23.20 -1.76 20.66
C PHE B 166 -21.98 -2.62 20.92
N LEU B 167 -22.16 -3.79 21.53
CA LEU B 167 -21.16 -4.85 21.43
C LEU B 167 -21.46 -5.62 20.14
N TYR B 168 -20.43 -5.84 19.36
CA TYR B 168 -20.49 -6.56 18.07
C TYR B 168 -19.47 -7.69 17.98
N ALA B 169 -19.78 -8.70 17.18
CA ALA B 169 -18.77 -9.69 16.75
C ALA B 169 -19.15 -10.21 15.37
N SER B 170 -18.15 -10.33 14.49
CA SER B 170 -18.39 -10.92 13.18
C SER B 170 -17.25 -11.83 12.75
N VAL B 171 -17.48 -12.61 11.70
CA VAL B 171 -16.40 -13.23 10.92
C VAL B 171 -16.61 -12.81 9.46
N TRP B 172 -15.56 -12.28 8.85
CA TRP B 172 -15.63 -11.86 7.47
C TRP B 172 -14.34 -12.11 6.71
N ASP B 173 -14.45 -12.12 5.39
CA ASP B 173 -13.31 -12.34 4.51
C ASP B 173 -12.69 -10.99 4.18
N ALA B 174 -11.59 -10.68 4.85
CA ALA B 174 -10.90 -9.41 4.69
C ALA B 174 -9.70 -9.52 3.73
N SER B 175 -9.59 -10.63 3.01
CA SER B 175 -8.50 -10.81 2.05
C SER B 175 -8.47 -9.73 0.95
N TYR B 176 -9.58 -9.03 0.71
CA TYR B 176 -9.59 -7.92 -0.25
C TYR B 176 -8.91 -6.64 0.27
N ILE B 177 -8.72 -6.55 1.57
CA ILE B 177 -8.04 -5.38 2.18
C ILE B 177 -6.53 -5.35 1.86
N ASP B 178 -6.06 -4.23 1.33
CA ASP B 178 -4.63 -4.04 1.01
C ASP B 178 -3.99 -5.21 0.28
N GLU B 179 -4.62 -5.67 -0.80
CA GLU B 179 -4.10 -6.72 -1.67
C GLU B 179 -3.81 -8.02 -0.91
N GLY B 180 -4.57 -8.28 0.14
CA GLY B 180 -4.41 -9.53 0.86
C GLY B 180 -3.30 -9.49 1.87
N ARG B 181 -2.65 -8.35 2.02
CA ARG B 181 -1.49 -8.25 2.90
C ARG B 181 -1.84 -8.09 4.37
N TRP B 182 -3.08 -7.70 4.67
CA TRP B 182 -3.45 -7.49 6.06
C TRP B 182 -3.81 -8.79 6.79
N THR B 183 -4.76 -9.55 6.23
CA THR B 183 -5.17 -10.84 6.77
C THR B 183 -4.76 -12.06 5.94
N GLY B 184 -4.14 -11.82 4.77
CA GLY B 184 -3.68 -12.92 3.92
C GLY B 184 -4.70 -13.26 2.85
N PRO B 185 -4.30 -14.10 1.90
CA PRO B 185 -5.26 -14.54 0.91
C PRO B 185 -6.26 -15.52 1.53
N TYR B 186 -7.48 -15.57 1.03
CA TYR B 186 -8.44 -16.53 1.58
C TYR B 186 -8.28 -17.87 0.87
N VAL B 187 -7.82 -18.86 1.62
CA VAL B 187 -7.54 -20.18 1.07
C VAL B 187 -8.77 -21.04 1.15
N GLY B 188 -9.41 -21.05 2.32
CA GLY B 188 -10.72 -21.65 2.49
C GLY B 188 -10.74 -23.16 2.58
N CYS B 189 -9.58 -23.77 2.81
CA CYS B 189 -9.46 -25.24 2.78
C CYS B 189 -10.01 -25.93 4.03
N ASP B 190 -10.30 -25.17 5.08
CA ASP B 190 -10.91 -25.74 6.29
C ASP B 190 -12.29 -25.16 6.60
N ALA B 191 -13.02 -24.83 5.56
CA ALA B 191 -14.42 -24.44 5.75
C ALA B 191 -15.23 -25.68 6.10
N PRO B 192 -16.27 -25.52 6.93
CA PRO B 192 -16.72 -24.25 7.56
C PRO B 192 -15.89 -23.89 8.79
N TYR B 193 -15.62 -22.60 8.92
CA TYR B 193 -14.84 -22.06 10.02
C TYR B 193 -15.77 -21.63 11.13
N ILE B 194 -15.68 -22.27 12.29
CA ILE B 194 -16.62 -21.98 13.38
C ILE B 194 -15.94 -21.25 14.53
N CYS B 195 -16.33 -20.00 14.75
CA CYS B 195 -15.77 -19.23 15.85
C CYS B 195 -16.73 -19.26 17.04
N LEU B 196 -16.20 -19.57 18.23
CA LEU B 196 -17.00 -19.75 19.43
C LEU B 196 -16.84 -18.60 20.43
N TYR B 197 -17.96 -18.04 20.86
CA TYR B 197 -18.08 -17.03 21.91
C TYR B 197 -18.84 -17.68 23.06
N LYS B 198 -18.33 -17.58 24.28
CA LYS B 198 -19.00 -18.17 25.43
C LYS B 198 -18.96 -17.20 26.60
N ASN B 199 -20.03 -17.17 27.38
CA ASN B 199 -20.11 -16.27 28.55
C ASN B 199 -19.87 -14.80 28.18
N VAL B 200 -20.57 -14.34 27.15
CA VAL B 200 -20.45 -12.93 26.80
C VAL B 200 -21.07 -12.07 27.91
N ASN B 201 -20.33 -11.06 28.37
CA ASN B 201 -20.84 -10.12 29.38
C ASN B 201 -20.80 -8.69 28.92
N VAL B 202 -21.78 -7.92 29.39
CA VAL B 202 -21.95 -6.52 29.04
C VAL B 202 -22.14 -5.71 30.34
N PRO B 203 -21.93 -4.40 30.28
CA PRO B 203 -21.99 -3.58 31.50
C PRO B 203 -23.34 -3.62 32.21
N VAL B 204 -23.29 -3.53 33.53
CA VAL B 204 -24.48 -3.34 34.32
C VAL B 204 -24.79 -1.84 34.43
N GLY B 205 -26.02 -1.46 34.08
CA GLY B 205 -26.47 -0.12 34.37
C GLY B 205 -26.27 0.93 33.31
N THR B 206 -25.54 0.64 32.24
CA THR B 206 -25.26 1.71 31.28
C THR B 206 -25.91 1.49 29.92
N ALA B 207 -26.83 0.54 29.83
CA ALA B 207 -27.56 0.33 28.59
C ALA B 207 -28.36 1.59 28.26
N VAL B 208 -28.38 1.89 26.98
CA VAL B 208 -29.15 2.99 26.46
C VAL B 208 -29.66 2.74 25.08
C1 GLC C . 19.42 4.21 -12.86
C2 GLC C . 19.29 3.48 -11.52
C3 GLC C . 17.84 3.13 -11.24
C4 GLC C . 17.01 4.41 -11.34
C5 GLC C . 17.26 5.08 -12.70
C6 GLC C . 16.58 6.43 -12.84
O1 GLC C . 19.22 3.39 -13.97
O2 GLC C . 20.18 2.38 -11.38
O3 GLC C . 17.72 2.61 -9.95
O4 GLC C . 15.67 4.05 -11.08
O5 GLC C . 18.60 5.33 -12.85
O6 GLC C . 16.90 7.21 -11.77
C2 BGC C . 13.50 4.27 -10.33
C3 BGC C . 12.70 4.96 -9.28
C4 BGC C . 13.23 4.69 -7.92
C5 BGC C . 14.69 5.04 -7.79
C6 BGC C . 15.35 4.62 -6.49
C1 BGC C . 14.98 4.65 -10.24
O2 BGC C . 13.04 4.60 -11.65
O3 BGC C . 11.30 4.51 -9.42
O4 BGC C . 12.53 5.58 -7.01
O5 BGC C . 15.49 4.40 -8.83
O6 BGC C . 15.12 3.25 -6.22
C2 BGC C . 11.24 5.80 -4.99
C3 BGC C . 10.69 5.02 -3.86
C4 BGC C . 9.85 3.91 -4.32
C5 BGC C . 10.58 2.99 -5.22
C6 BGC C . 9.73 1.84 -5.70
C1 BGC C . 11.98 4.85 -5.94
O2 BGC C . 12.16 6.77 -4.50
O3 BGC C . 9.94 5.93 -2.99
O4 BGC C . 9.42 3.19 -3.11
O5 BGC C . 11.06 3.73 -6.39
O6 BGC C . 10.50 0.87 -6.38
C2 BGC C . 7.48 2.06 -2.15
C3 BGC C . 6.00 2.10 -2.03
C4 BGC C . 5.51 3.40 -1.52
C5 BGC C . 6.00 4.49 -2.40
C6 BGC C . 5.54 5.86 -1.96
C1 BGC C . 8.00 3.21 -3.02
O2 BGC C . 7.92 0.83 -2.71
O3 BGC C . 5.63 0.95 -1.18
O4 BGC C . 4.06 3.53 -1.54
O5 BGC C . 7.46 4.49 -2.46
O6 BGC C . 5.96 6.11 -0.64
C2 BGC C . 2.21 4.00 0.07
C3 BGC C . 1.50 3.47 1.27
C4 BGC C . 1.48 2.01 1.43
C5 BGC C . 2.84 1.43 1.25
C6 BGC C . 2.87 -0.08 1.29
C1 BGC C . 3.55 3.29 -0.23
O2 BGC C . 2.49 5.38 0.33
O3 BGC C . 0.12 4.00 1.30
O4 BGC C . 1.11 1.78 2.83
O5 BGC C . 3.44 1.80 -0.04
O6 BGC C . 1.78 -0.62 0.56
C2 BGC C . -0.25 0.34 4.26
C3 BGC C . -1.53 -0.42 4.27
C4 BGC C . -2.68 0.45 3.98
C5 BGC C . -2.53 1.11 2.65
C6 BGC C . -3.64 2.11 2.40
C1 BGC C . -0.08 1.01 2.88
O2 BGC C . 0.86 -0.55 4.46
O3 BGC C . -1.66 -1.10 5.56
O4 BGC C . -3.89 -0.33 3.80
O5 BGC C . -1.28 1.85 2.54
O6 BGC C . -3.36 2.75 1.17
C2 BGC C . -6.16 -0.55 4.72
C3 BGC C . -6.95 -0.54 5.98
C4 BGC C . -6.42 -1.45 7.01
C5 BGC C . -4.97 -1.23 7.25
C6 BGC C . -4.35 -2.30 8.13
C1 BGC C . -4.69 -0.26 4.98
O2 BGC C . -6.68 0.43 3.84
O3 BGC C . -8.29 -0.94 5.58
O4 BGC C . -6.95 -1.12 8.32
O5 BGC C . -4.21 -1.26 6.00
O6 BGC C . -2.94 -2.02 8.26
C2 BGC C . -8.24 -1.73 10.21
C3 BGC C . -9.37 -2.55 10.73
C4 BGC C . -10.57 -2.38 9.90
C5 BGC C . -10.29 -2.74 8.47
C6 BGC C . -11.43 -2.45 7.54
C1 BGC C . -7.96 -2.00 8.76
O2 BGC C . -7.04 -1.94 10.96
O3 BGC C . -9.66 -2.08 12.08
O4 BGC C . -11.65 -3.24 10.42
O5 BGC C . -9.23 -1.86 7.98
O6 BGC C . -11.78 -1.11 7.76
C1 XYS C . -12.23 -0.54 6.52
C2 XYS C . -12.11 0.93 6.78
C3 XYS C . -12.87 1.24 8.04
C4 XYS C . -14.33 0.89 7.84
C5 XYS C . -14.48 -0.55 7.33
O2 XYS C . -10.76 1.24 7.09
O3 XYS C . -12.67 2.60 8.31
O4 XYS C . -15.05 1.03 9.04
O5 XYS C . -13.54 -0.86 6.31
C1 XYS C . -2.68 -1.18 9.43
C2 XYS C . -1.25 -0.68 9.37
C3 XYS C . -0.23 -1.78 9.59
C4 XYS C . -0.52 -2.49 10.89
C5 XYS C . -1.96 -3.00 10.89
O2 XYS C . -1.03 -0.05 8.13
O3 XYS C . 1.06 -1.19 9.59
O4 XYS C . 0.34 -3.60 11.13
O5 XYS C . -2.85 -1.94 10.58
C1 XYS C . -4.53 3.51 0.72
C2 XYS C . -4.58 3.52 -0.79
C3 XYS C . -3.17 3.83 -1.24
C4 XYS C . -2.98 5.29 -0.91
C5 XYS C . -3.34 5.59 0.56
O2 XYS C . -5.04 2.31 -1.38
O3 XYS C . -3.02 3.56 -2.62
O4 XYS C . -1.64 5.68 -1.17
O5 XYS C . -4.40 4.81 1.12
C1 XYS C . 6.98 7.11 -0.56
C2 XYS C . 7.42 7.00 0.87
C3 XYS C . 6.24 7.27 1.80
C4 XYS C . 5.51 8.56 1.44
C5 XYS C . 5.37 8.79 -0.06
O2 XYS C . 7.81 5.65 1.07
O3 XYS C . 6.70 7.34 3.13
O4 XYS C . 4.21 8.55 2.03
O5 XYS C . 6.48 8.36 -0.82
C1 XYS C . 10.39 -0.42 -5.73
C2 XYS C . 11.23 -1.42 -6.50
C3 XYS C . 10.45 -2.68 -6.91
C4 XYS C . 9.08 -2.42 -7.52
C5 XYS C . 8.53 -1.08 -7.04
O2 XYS C . 11.81 -0.82 -7.63
O3 XYS C . 10.18 -3.41 -5.74
O4 XYS C . 9.18 -2.42 -8.92
O5 XYS C . 9.07 -0.80 -5.76
C1 XYS C . 16.20 2.43 -6.75
C2 XYS C . 15.67 1.02 -6.76
C3 XYS C . 15.17 0.72 -5.37
C4 XYS C . 16.32 0.75 -4.39
C5 XYS C . 17.19 2.00 -4.58
O2 XYS C . 14.54 0.88 -7.60
O3 XYS C . 14.55 -0.54 -5.40
O4 XYS C . 15.80 0.73 -3.09
O5 XYS C . 17.28 2.49 -5.90
C1 GLC D . -13.64 -2.19 12.77
C2 GLC D . -14.31 -1.66 11.50
C3 GLC D . -15.65 -2.34 11.29
C4 GLC D . -15.46 -3.88 11.33
C5 GLC D . -14.80 -4.26 12.66
C6 GLC D . -14.49 -5.76 12.74
O1 GLC D . -14.23 -1.64 13.85
O2 GLC D . -14.37 -0.26 11.53
O3 GLC D . -16.25 -1.87 10.13
O4 GLC D . -16.67 -4.53 11.07
O5 GLC D . -13.58 -3.59 12.83
O6 GLC D . -13.58 -6.12 11.78
C2 BGC D . -18.19 -6.12 10.41
C3 BGC D . -18.40 -7.10 9.31
C4 BGC D . -18.18 -6.54 7.98
C5 BGC D . -16.85 -5.90 7.83
C6 BGC D . -16.62 -5.16 6.50
C1 BGC D . -16.81 -5.41 10.28
O2 BGC D . -18.24 -6.72 11.68
O3 BGC D . -19.77 -7.63 9.51
O4 BGC D . -18.23 -7.63 7.00
O5 BGC D . -16.59 -4.90 8.88
O6 BGC D . -17.70 -4.31 6.19
C2 BGC D . -19.06 -8.53 4.96
C3 BGC D . -20.06 -8.40 3.86
C4 BGC D . -21.43 -8.15 4.37
C5 BGC D . -21.47 -6.97 5.26
C6 BGC D . -22.84 -6.57 5.78
C1 BGC D . -19.15 -7.37 5.96
O2 BGC D . -17.73 -8.53 4.44
O3 BGC D . -19.98 -9.60 3.01
O4 BGC D . -22.29 -7.88 3.21
O5 BGC D . -20.59 -7.15 6.42
O6 BGC D . -22.70 -5.35 6.50
C2 BGC D . -24.56 -8.19 2.39
C3 BGC D . -25.68 -9.14 2.25
C4 BGC D . -25.25 -10.47 1.75
C5 BGC D . -24.20 -11.04 2.65
C6 BGC D . -23.73 -12.42 2.22
C1 BGC D . -23.39 -8.78 3.22
O2 BGC D . -25.05 -7.04 3.07
O3 BGC D . -26.66 -8.50 1.36
O4 BGC D . -26.43 -11.37 1.78
O5 BGC D . -23.01 -10.18 2.74
O6 BGC D . -23.36 -12.40 0.87
C1 XYS D . -21.90 -12.43 0.74
C2 XYS D . -21.62 -12.13 -0.70
C3 XYS D . -22.29 -13.17 -1.56
C4 XYS D . -21.72 -14.54 -1.24
C5 XYS D . -21.78 -14.79 0.27
O2 XYS D . -22.17 -10.86 -1.01
O3 XYS D . -22.08 -12.88 -2.93
O4 XYS D . -22.40 -15.56 -1.94
O5 XYS D . -21.35 -13.66 1.03
C1 XYS D . -23.24 -4.23 5.76
C2 XYS D . -23.31 -3.00 6.67
C3 XYS D . -24.66 -2.82 7.35
C4 XYS D . -25.82 -2.88 6.39
C5 XYS D . -25.40 -3.53 5.09
O2 XYS D . -22.43 -3.08 7.77
O3 XYS D . -24.64 -1.55 7.97
O4 XYS D . -26.78 -3.71 6.99
O5 XYS D . -24.50 -4.59 5.33
C1 XYS D . -17.51 -2.94 6.59
C2 XYS D . -18.86 -2.26 6.60
C3 XYS D . -19.49 -2.37 5.21
C4 XYS D . -18.55 -1.76 4.16
C5 XYS D . -17.14 -2.32 4.32
O2 XYS D . -19.73 -2.84 7.54
O3 XYS D . -20.68 -1.64 5.15
O4 XYS D . -19.06 -2.02 2.87
O5 XYS D . -16.69 -2.35 5.67
#